data_2QU6
#
_entry.id   2QU6
#
_cell.length_a   55.37
_cell.length_b   67.37
_cell.length_c   89.62
_cell.angle_alpha   90.00
_cell.angle_beta   92.98
_cell.angle_gamma   90.00
#
_symmetry.space_group_name_H-M   'P 1 21 1'
#
loop_
_entity.id
_entity.type
_entity.pdbx_description
1 polymer 'Vascular endothelial growth factor receptor 2'
2 non-polymer 'SULFATE ION'
3 non-polymer 4-({2-[(4-chloro-3-{[(2S)-1-methylpyrrolidin-2-yl]methoxy}phenyl)amino]-1,3-benzoxazol-5-yl}oxy)-N-methylpyridine-2-carboxamide
4 water water
#
_entity_poly.entity_id   1
_entity_poly.type   'polypeptide(L)'
_entity_poly.pdbx_seq_one_letter_code
;EHAERLPYDASKWEFPRDRLKLGKPLGRGAFGQVIEADAFGIDKTATCRTVAVKMLKEGATHSEHRALMSELKILIHIGH
HLNVVNLLGACTKPGGPLMVITEFCKFGNLSTYLRSKRNEFVPYKVAPEDLYKDFLTLEHLICYSFQVAKGMEFLASRKC
IHRDLAARNILLSEKNVVKICDFGLARDI(PTR)KDPD(PTR)VRKGDARLPLKWMAPETIFDRVYTIQSDVWSFGVLLW
EIFSLGASPYPGVKIDEEFCRRLKEGTRMRAPDYTTPEMYQTMLDCWHGEPSQRPTFSELVEHLGNLLQANAQQDRHHHH
HH
;
_entity_poly.pdbx_strand_id   A,B
#
# COMPACT_ATOMS: atom_id res chain seq x y z
N ALA A 3 -26.59 -11.04 16.33
CA ALA A 3 -25.63 -9.95 16.00
C ALA A 3 -26.32 -8.59 16.13
N GLU A 4 -27.30 -8.34 15.27
CA GLU A 4 -28.02 -7.09 15.30
C GLU A 4 -28.65 -6.87 16.67
N ARG A 5 -29.10 -7.96 17.31
CA ARG A 5 -29.71 -7.88 18.63
C ARG A 5 -28.64 -7.54 19.67
N LEU A 6 -27.38 -7.78 19.33
CA LEU A 6 -26.28 -7.48 20.25
C LEU A 6 -26.24 -5.98 20.44
N PRO A 7 -25.78 -5.52 21.60
CA PRO A 7 -25.70 -4.09 21.88
C PRO A 7 -24.35 -3.51 21.50
N TYR A 8 -24.28 -2.19 21.44
CA TYR A 8 -23.03 -1.51 21.14
C TYR A 8 -22.82 -0.52 22.26
N ASP A 9 -21.84 -0.78 23.11
CA ASP A 9 -21.55 0.10 24.25
C ASP A 9 -20.64 1.23 23.80
N ALA A 10 -21.24 2.33 23.35
CA ALA A 10 -20.50 3.49 22.85
C ALA A 10 -19.54 4.11 23.86
N SER A 11 -19.92 4.15 25.13
CA SER A 11 -19.04 4.76 26.14
C SER A 11 -17.67 4.12 26.17
N LYS A 12 -17.64 2.80 25.95
CA LYS A 12 -16.39 2.07 25.96
C LYS A 12 -15.62 2.05 24.64
N TRP A 13 -16.32 1.83 23.53
CA TRP A 13 -15.67 1.70 22.23
C TRP A 13 -15.55 2.87 21.25
N GLU A 14 -16.48 3.82 21.30
CA GLU A 14 -16.47 4.94 20.35
C GLU A 14 -15.18 5.77 20.35
N PHE A 15 -14.69 6.11 19.15
CA PHE A 15 -13.47 6.90 18.96
C PHE A 15 -13.79 8.05 18.01
N PRO A 16 -13.25 9.25 18.29
CA PRO A 16 -13.47 10.47 17.48
C PRO A 16 -12.83 10.37 16.10
N ARG A 17 -13.61 10.62 15.05
CA ARG A 17 -13.07 10.55 13.70
C ARG A 17 -11.89 11.48 13.45
N ASP A 18 -11.86 12.66 14.09
CA ASP A 18 -10.76 13.57 13.86
C ASP A 18 -9.45 13.18 14.56
N ARG A 19 -9.48 12.09 15.34
CA ARG A 19 -8.27 11.60 16.03
C ARG A 19 -7.58 10.58 15.12
N LEU A 20 -8.11 10.39 13.92
CA LEU A 20 -7.53 9.45 12.95
C LEU A 20 -6.99 10.19 11.74
N LYS A 21 -5.91 9.66 11.18
CA LYS A 21 -5.30 10.16 9.95
C LYS A 21 -5.18 8.93 9.05
N LEU A 22 -6.04 8.83 8.03
CA LEU A 22 -6.04 7.69 7.12
C LEU A 22 -4.81 7.61 6.21
N GLY A 23 -4.24 6.41 6.08
CA GLY A 23 -3.06 6.21 5.25
C GLY A 23 -3.32 5.42 3.98
N LYS A 24 -2.41 4.52 3.63
CA LYS A 24 -2.56 3.72 2.41
C LYS A 24 -3.39 2.45 2.60
N PRO A 25 -3.93 1.90 1.50
CA PRO A 25 -4.76 0.69 1.47
C PRO A 25 -3.99 -0.56 1.87
N LEU A 26 -4.64 -1.43 2.65
CA LEU A 26 -4.01 -2.67 3.10
C LEU A 26 -4.79 -3.83 2.47
N GLY A 32 -16.04 -1.87 0.44
CA GLY A 32 -15.27 -2.62 1.42
C GLY A 32 -13.79 -2.35 1.27
N GLN A 33 -13.16 -1.87 2.34
CA GLN A 33 -11.74 -1.57 2.27
C GLN A 33 -11.09 -1.46 3.64
N VAL A 34 -9.88 -1.99 3.73
CA VAL A 34 -9.11 -1.96 4.95
C VAL A 34 -7.92 -1.06 4.66
N ILE A 35 -7.69 -0.06 5.51
CA ILE A 35 -6.57 0.84 5.28
C ILE A 35 -5.81 1.12 6.56
N GLU A 36 -4.56 1.51 6.40
CA GLU A 36 -3.68 1.83 7.51
C GLU A 36 -4.01 3.25 7.97
N ALA A 37 -3.78 3.55 9.24
CA ALA A 37 -4.05 4.88 9.73
C ALA A 37 -3.35 5.13 11.06
N ASP A 38 -3.22 6.40 11.42
CA ASP A 38 -2.58 6.79 12.68
C ASP A 38 -3.67 7.27 13.63
N ALA A 39 -3.71 6.71 14.83
CA ALA A 39 -4.71 7.08 15.81
C ALA A 39 -4.05 7.81 16.98
N PHE A 40 -4.64 8.93 17.36
CA PHE A 40 -4.14 9.72 18.47
C PHE A 40 -5.00 9.50 19.70
N GLY A 41 -4.42 8.87 20.72
CA GLY A 41 -5.15 8.61 21.94
C GLY A 41 -6.06 7.39 21.94
N ILE A 42 -5.86 6.48 21.01
CA ILE A 42 -6.69 5.28 20.94
C ILE A 42 -6.57 4.46 22.23
N ASP A 43 -5.46 4.57 22.93
CA ASP A 43 -5.27 3.82 24.16
C ASP A 43 -4.58 4.60 25.27
N LYS A 44 -4.44 3.96 26.42
CA LYS A 44 -3.81 4.58 27.58
C LYS A 44 -3.14 3.50 28.43
N THR A 47 -0.27 10.24 22.53
CA THR A 47 0.40 9.09 21.92
C THR A 47 -0.21 8.74 20.58
N CYS A 48 0.63 8.57 19.56
CA CYS A 48 0.15 8.20 18.24
C CYS A 48 0.47 6.73 17.99
N ARG A 49 -0.55 5.98 17.60
CA ARG A 49 -0.42 4.56 17.34
C ARG A 49 -0.92 4.19 15.95
N THR A 50 -0.20 3.33 15.25
CA THR A 50 -0.62 2.90 13.93
C THR A 50 -1.71 1.86 14.13
N VAL A 51 -2.79 1.98 13.38
CA VAL A 51 -3.89 1.04 13.49
C VAL A 51 -4.34 0.63 12.10
N ALA A 52 -5.28 -0.31 12.04
CA ALA A 52 -5.83 -0.75 10.77
C ALA A 52 -7.30 -0.39 10.88
N VAL A 53 -7.89 0.03 9.76
CA VAL A 53 -9.28 0.46 9.75
C VAL A 53 -10.09 -0.20 8.65
N LYS A 54 -11.23 -0.79 9.02
CA LYS A 54 -12.10 -1.38 8.03
C LYS A 54 -13.32 -0.47 7.92
N MET A 55 -13.60 -0.01 6.72
CA MET A 55 -14.72 0.87 6.50
C MET A 55 -15.37 0.57 5.16
N LEU A 56 -16.56 1.13 4.94
CA LEU A 56 -17.28 0.92 3.69
C LEU A 56 -16.70 1.78 2.58
N LYS A 57 -16.74 1.27 1.36
CA LYS A 57 -16.21 2.02 0.22
C LYS A 57 -17.36 2.57 -0.62
N THR A 61 -24.56 1.14 1.06
CA THR A 61 -25.86 0.48 1.20
C THR A 61 -26.15 0.20 2.68
N HIS A 62 -27.41 0.31 3.07
CA HIS A 62 -27.81 0.04 4.45
C HIS A 62 -27.43 -1.39 4.78
N SER A 63 -27.64 -2.28 3.80
CA SER A 63 -27.30 -3.69 3.95
C SER A 63 -25.84 -3.84 4.40
N GLU A 64 -24.93 -3.20 3.66
CA GLU A 64 -23.51 -3.26 3.99
C GLU A 64 -23.17 -2.56 5.29
N HIS A 65 -23.91 -1.51 5.62
CA HIS A 65 -23.68 -0.79 6.87
C HIS A 65 -24.05 -1.72 8.02
N ARG A 66 -25.18 -2.41 7.88
CA ARG A 66 -25.62 -3.34 8.91
C ARG A 66 -24.60 -4.47 9.09
N ALA A 67 -24.06 -4.96 7.99
CA ALA A 67 -23.08 -6.03 8.06
C ALA A 67 -21.86 -5.62 8.88
N LEU A 68 -21.26 -4.48 8.51
CA LEU A 68 -20.10 -4.00 9.25
C LEU A 68 -20.45 -3.76 10.71
N MET A 69 -21.59 -3.11 10.97
CA MET A 69 -22.04 -2.86 12.36
C MET A 69 -22.18 -4.18 13.12
N SER A 70 -22.64 -5.22 12.44
CA SER A 70 -22.81 -6.52 13.11
C SER A 70 -21.46 -7.18 13.35
N GLU A 71 -20.52 -6.95 12.45
CA GLU A 71 -19.20 -7.52 12.64
C GLU A 71 -18.64 -6.89 13.91
N LEU A 72 -18.80 -5.57 14.03
CA LEU A 72 -18.30 -4.85 15.21
C LEU A 72 -18.90 -5.40 16.50
N LYS A 73 -20.22 -5.61 16.50
CA LYS A 73 -20.89 -6.11 17.70
C LYS A 73 -20.37 -7.49 18.10
N ILE A 74 -20.20 -8.36 17.11
CA ILE A 74 -19.70 -9.70 17.36
C ILE A 74 -18.29 -9.70 17.96
N LEU A 75 -17.40 -8.86 17.42
CA LEU A 75 -16.03 -8.76 17.91
C LEU A 75 -16.03 -8.31 19.36
N ILE A 76 -16.96 -7.40 19.68
CA ILE A 76 -17.10 -6.89 21.03
C ILE A 76 -17.59 -8.01 21.92
N HIS A 77 -18.61 -8.71 21.44
CA HIS A 77 -19.21 -9.82 22.15
C HIS A 77 -18.18 -10.91 22.43
N ILE A 78 -17.51 -11.35 21.38
CA ILE A 78 -16.50 -12.39 21.51
C ILE A 78 -15.46 -12.10 22.60
N GLY A 79 -14.96 -10.87 22.65
CA GLY A 79 -13.97 -10.53 23.64
C GLY A 79 -12.54 -10.65 23.14
N HIS A 80 -11.59 -10.39 24.03
CA HIS A 80 -10.15 -10.42 23.72
C HIS A 80 -9.42 -11.76 23.85
N HIS A 81 -8.56 -12.02 22.87
CA HIS A 81 -7.69 -13.20 22.85
C HIS A 81 -6.44 -12.83 22.05
N LEU A 82 -5.29 -13.21 22.58
CA LEU A 82 -4.00 -12.93 21.98
C LEU A 82 -3.88 -13.32 20.51
N ASN A 83 -4.60 -14.37 20.13
CA ASN A 83 -4.52 -14.86 18.76
C ASN A 83 -5.65 -14.48 17.82
N VAL A 84 -6.34 -13.41 18.18
CA VAL A 84 -7.42 -12.86 17.38
C VAL A 84 -7.10 -11.38 17.26
N VAL A 85 -7.02 -10.86 16.05
CA VAL A 85 -6.70 -9.45 15.89
C VAL A 85 -7.57 -8.65 16.89
N ASN A 86 -6.93 -7.81 17.69
CA ASN A 86 -7.63 -7.03 18.72
C ASN A 86 -8.42 -5.81 18.24
N LEU A 87 -9.66 -5.69 18.69
CA LEU A 87 -10.50 -4.55 18.34
C LEU A 87 -10.06 -3.41 19.27
N LEU A 88 -9.90 -2.20 18.73
CA LEU A 88 -9.47 -1.08 19.57
C LEU A 88 -10.55 0.01 19.72
N GLY A 89 -11.43 0.12 18.72
CA GLY A 89 -12.47 1.13 18.81
C GLY A 89 -13.28 1.22 17.52
N ALA A 90 -14.13 2.23 17.43
CA ALA A 90 -14.95 2.39 16.25
C ALA A 90 -15.57 3.79 16.16
N CYS A 91 -15.95 4.18 14.95
CA CYS A 91 -16.60 5.46 14.72
C CYS A 91 -17.95 5.04 14.15
N THR A 92 -19.01 5.16 14.95
CA THR A 92 -20.34 4.74 14.53
C THR A 92 -21.40 5.84 14.53
N LYS A 93 -21.24 6.83 15.40
CA LYS A 93 -22.18 7.93 15.49
C LYS A 93 -22.16 8.76 14.21
N PRO A 94 -23.23 9.56 13.98
CA PRO A 94 -23.33 10.40 12.78
C PRO A 94 -22.19 11.40 12.63
N GLY A 95 -21.95 11.83 11.39
CA GLY A 95 -20.91 12.81 11.12
C GLY A 95 -19.82 12.34 10.19
N GLY A 96 -19.76 11.03 9.98
CA GLY A 96 -18.74 10.46 9.10
C GLY A 96 -19.08 9.03 8.76
N PRO A 97 -18.21 8.32 8.03
CA PRO A 97 -18.48 6.92 7.67
C PRO A 97 -18.23 5.96 8.82
N LEU A 98 -18.84 4.78 8.75
CA LEU A 98 -18.65 3.78 9.79
C LEU A 98 -17.25 3.21 9.69
N MET A 99 -16.52 3.18 10.80
CA MET A 99 -15.17 2.66 10.78
C MET A 99 -14.89 1.74 11.95
N VAL A 100 -14.29 0.58 11.66
CA VAL A 100 -13.93 -0.39 12.70
C VAL A 100 -12.41 -0.40 12.80
N ILE A 101 -11.89 -0.09 13.98
CA ILE A 101 -10.44 0.01 14.19
C ILE A 101 -9.84 -1.16 14.97
N THR A 102 -8.77 -1.74 14.43
CA THR A 102 -8.11 -2.86 15.08
C THR A 102 -6.62 -2.62 15.26
N GLU A 103 -5.93 -3.54 15.93
CA GLU A 103 -4.51 -3.37 16.10
C GLU A 103 -3.85 -3.52 14.74
N PHE A 104 -2.62 -3.03 14.61
CA PHE A 104 -1.89 -3.13 13.36
C PHE A 104 -0.82 -4.21 13.54
N CYS A 105 -0.77 -5.19 12.63
CA CYS A 105 0.21 -6.26 12.70
C CYS A 105 1.21 -5.98 11.59
N LYS A 106 2.39 -5.46 11.94
CA LYS A 106 3.39 -5.05 10.96
C LYS A 106 3.92 -5.99 9.90
N PHE A 107 4.02 -7.28 10.18
CA PHE A 107 4.52 -8.20 9.16
C PHE A 107 3.49 -8.63 8.13
N GLY A 108 2.21 -8.41 8.40
CA GLY A 108 1.17 -8.76 7.43
C GLY A 108 0.70 -10.20 7.36
N ASN A 109 0.06 -10.58 6.25
CA ASN A 109 -0.47 -11.93 6.11
C ASN A 109 0.60 -13.03 6.05
N LEU A 110 0.35 -14.08 6.82
CA LEU A 110 1.27 -15.21 6.95
C LEU A 110 1.73 -15.88 5.64
N SER A 111 0.84 -15.96 4.67
CA SER A 111 1.20 -16.59 3.39
C SER A 111 2.37 -15.83 2.73
N THR A 112 2.20 -14.53 2.54
CA THR A 112 3.23 -13.73 1.92
C THR A 112 4.53 -13.78 2.72
N TYR A 113 4.40 -13.67 4.04
CA TYR A 113 5.56 -13.70 4.92
C TYR A 113 6.33 -15.03 4.85
N LEU A 114 5.64 -16.15 4.92
CA LEU A 114 6.32 -17.44 4.83
C LEU A 114 7.02 -17.59 3.47
N ARG A 115 6.39 -17.05 2.45
CA ARG A 115 6.93 -17.12 1.10
C ARG A 115 8.29 -16.42 1.05
N SER A 116 8.41 -15.32 1.80
CA SER A 116 9.64 -14.56 1.83
C SER A 116 10.78 -15.14 2.65
N LYS A 117 10.51 -16.22 3.40
CA LYS A 117 11.54 -16.84 4.22
C LYS A 117 12.03 -18.17 3.65
N ARG A 118 11.71 -18.43 2.38
CA ARG A 118 12.13 -19.68 1.77
C ARG A 118 13.64 -19.92 1.67
N ASN A 119 14.42 -18.85 1.68
CA ASN A 119 15.87 -19.03 1.63
C ASN A 119 16.45 -18.78 3.01
N GLU A 120 15.55 -18.66 3.99
CA GLU A 120 15.95 -18.44 5.37
C GLU A 120 15.28 -19.47 6.27
N PHE A 121 15.57 -20.74 6.00
CA PHE A 121 15.01 -21.83 6.76
C PHE A 121 16.01 -22.93 7.07
N VAL A 122 15.97 -23.40 8.31
CA VAL A 122 16.78 -24.54 8.76
C VAL A 122 15.82 -25.21 9.72
N PRO A 123 15.81 -26.55 9.76
CA PRO A 123 14.88 -27.22 10.67
C PRO A 123 15.07 -26.85 12.15
N TYR A 124 16.31 -26.60 12.57
CA TYR A 124 16.58 -26.20 13.98
C TYR A 124 17.92 -25.49 14.03
N LYS A 125 18.21 -24.82 15.14
CA LYS A 125 19.49 -24.11 15.25
C LYS A 125 20.47 -24.78 16.19
N VAL A 126 21.75 -24.58 15.92
CA VAL A 126 22.84 -25.11 16.75
C VAL A 126 23.93 -24.01 16.73
N ALA A 127 24.95 -24.15 17.57
CA ALA A 127 26.02 -23.16 17.58
C ALA A 127 26.85 -23.36 16.32
N PRO A 128 27.27 -22.27 15.66
CA PRO A 128 27.00 -20.86 16.00
C PRO A 128 25.62 -20.45 15.49
N GLU A 129 24.79 -19.97 16.39
CA GLU A 129 23.42 -19.55 16.05
C GLU A 129 23.28 -18.36 15.10
N ASP A 130 24.25 -17.44 15.10
CA ASP A 130 24.14 -16.28 14.22
C ASP A 130 24.15 -16.68 12.75
N LEU A 131 24.41 -17.95 12.50
CA LEU A 131 24.40 -18.45 11.14
C LEU A 131 22.94 -18.44 10.69
N TYR A 132 22.03 -18.55 11.65
CA TYR A 132 20.61 -18.62 11.36
C TYR A 132 19.76 -17.47 11.92
N LYS A 133 20.38 -16.30 12.09
CA LYS A 133 19.67 -15.14 12.63
C LYS A 133 18.40 -14.82 11.83
N ASP A 134 17.27 -14.75 12.52
CA ASP A 134 15.97 -14.46 11.89
C ASP A 134 15.47 -15.55 10.95
N PHE A 135 16.04 -16.75 11.02
CA PHE A 135 15.59 -17.83 10.17
C PHE A 135 14.33 -18.44 10.77
N LEU A 136 13.53 -19.10 9.92
CA LEU A 136 12.35 -19.80 10.39
C LEU A 136 12.86 -21.20 10.72
N THR A 137 12.18 -21.91 11.62
CA THR A 137 12.56 -23.28 11.98
C THR A 137 11.30 -24.07 12.22
N LEU A 138 11.46 -25.38 12.45
CA LEU A 138 10.31 -26.22 12.72
C LEU A 138 9.54 -25.66 13.92
N GLU A 139 10.28 -25.12 14.89
CA GLU A 139 9.64 -24.56 16.07
C GLU A 139 8.70 -23.40 15.70
N HIS A 140 9.15 -22.53 14.79
CA HIS A 140 8.33 -21.41 14.34
C HIS A 140 7.04 -21.91 13.69
N LEU A 141 7.19 -22.83 12.75
CA LEU A 141 6.05 -23.36 12.02
C LEU A 141 5.02 -24.06 12.90
N ILE A 142 5.49 -24.89 13.82
CA ILE A 142 4.57 -25.60 14.73
C ILE A 142 3.93 -24.58 15.65
N CYS A 143 4.73 -23.60 16.06
CA CYS A 143 4.26 -22.56 16.95
C CYS A 143 3.15 -21.73 16.31
N TYR A 144 3.31 -21.34 15.05
CA TYR A 144 2.26 -20.58 14.39
C TYR A 144 1.00 -21.41 14.35
N SER A 145 1.14 -22.71 14.12
CA SER A 145 0.00 -23.63 14.03
C SER A 145 -0.68 -23.76 15.39
N PHE A 146 0.12 -23.88 16.43
CA PHE A 146 -0.37 -23.99 17.79
C PHE A 146 -1.17 -22.73 18.13
N GLN A 147 -0.65 -21.57 17.77
CA GLN A 147 -1.33 -20.31 18.06
C GLN A 147 -2.69 -20.15 17.37
N VAL A 148 -2.74 -20.42 16.07
CA VAL A 148 -4.00 -20.33 15.35
C VAL A 148 -5.03 -21.29 15.94
N ALA A 149 -4.60 -22.51 16.30
CA ALA A 149 -5.52 -23.49 16.87
C ALA A 149 -6.12 -22.96 18.19
N LYS A 150 -5.31 -22.31 19.01
CA LYS A 150 -5.84 -21.76 20.26
C LYS A 150 -6.85 -20.66 19.92
N GLY A 151 -6.53 -19.84 18.93
CA GLY A 151 -7.44 -18.78 18.52
C GLY A 151 -8.78 -19.32 18.05
N MET A 152 -8.73 -20.39 17.24
CA MET A 152 -9.95 -21.02 16.76
C MET A 152 -10.67 -21.76 17.91
N GLU A 153 -9.91 -22.28 18.86
CA GLU A 153 -10.54 -22.95 20.00
C GLU A 153 -11.38 -21.90 20.74
N PHE A 154 -10.83 -20.70 20.83
CA PHE A 154 -11.47 -19.56 21.48
C PHE A 154 -12.76 -19.15 20.75
N LEU A 155 -12.71 -19.08 19.42
CA LEU A 155 -13.87 -18.69 18.61
C LEU A 155 -14.94 -19.79 18.55
N ALA A 156 -14.53 -21.05 18.43
CA ALA A 156 -15.51 -22.13 18.38
C ALA A 156 -16.20 -22.26 19.74
N SER A 157 -15.48 -21.92 20.80
CA SER A 157 -16.04 -21.98 22.14
C SER A 157 -17.22 -21.03 22.28
N ARG A 158 -17.28 -20.03 21.41
CA ARG A 158 -18.33 -19.04 21.42
C ARG A 158 -19.31 -19.22 20.26
N LYS A 159 -19.30 -20.41 19.68
CA LYS A 159 -20.18 -20.76 18.57
C LYS A 159 -19.85 -20.06 17.26
N CYS A 160 -18.73 -19.34 17.22
CA CYS A 160 -18.32 -18.62 16.02
C CYS A 160 -17.76 -19.54 14.94
N ILE A 161 -18.10 -19.24 13.69
CA ILE A 161 -17.64 -20.01 12.54
C ILE A 161 -16.95 -19.01 11.59
N HIS A 162 -15.65 -19.14 11.40
CA HIS A 162 -14.92 -18.19 10.56
C HIS A 162 -15.39 -18.17 9.11
N ARG A 163 -15.49 -19.33 8.50
CA ARG A 163 -15.95 -19.48 7.12
C ARG A 163 -14.90 -19.22 6.04
N ASP A 164 -13.79 -18.57 6.38
CA ASP A 164 -12.75 -18.30 5.39
C ASP A 164 -11.35 -18.40 6.00
N LEU A 165 -11.11 -19.45 6.75
CA LEU A 165 -9.81 -19.64 7.39
C LEU A 165 -8.75 -20.03 6.37
N ALA A 166 -7.72 -19.21 6.24
CA ALA A 166 -6.63 -19.47 5.30
C ALA A 166 -5.41 -18.65 5.74
N ALA A 167 -4.26 -18.92 5.13
CA ALA A 167 -3.05 -18.20 5.47
C ALA A 167 -3.20 -16.69 5.24
N ARG A 168 -3.94 -16.33 4.19
CA ARG A 168 -4.14 -14.91 3.88
C ARG A 168 -4.89 -14.17 4.96
N ASN A 169 -5.60 -14.90 5.83
CA ASN A 169 -6.33 -14.26 6.91
C ASN A 169 -5.68 -14.43 8.27
N ILE A 170 -4.39 -14.74 8.25
CA ILE A 170 -3.61 -14.86 9.47
C ILE A 170 -2.58 -13.73 9.36
N LEU A 171 -2.42 -12.97 10.45
CA LEU A 171 -1.48 -11.85 10.44
C LEU A 171 -0.34 -12.09 11.41
N LEU A 172 0.83 -11.56 11.08
CA LEU A 172 1.99 -11.75 11.94
C LEU A 172 2.43 -10.44 12.61
N SER A 173 2.47 -10.47 13.93
CA SER A 173 2.86 -9.29 14.70
C SER A 173 4.25 -9.48 15.29
N GLU A 174 4.61 -8.61 16.23
CA GLU A 174 5.91 -8.68 16.91
C GLU A 174 6.05 -10.00 17.64
N LYS A 175 7.30 -10.36 17.94
CA LYS A 175 7.66 -11.59 18.65
C LYS A 175 7.01 -12.88 18.19
N ASN A 176 6.81 -13.01 16.88
CA ASN A 176 6.23 -14.21 16.30
C ASN A 176 4.85 -14.56 16.80
N VAL A 177 4.04 -13.54 17.05
CA VAL A 177 2.68 -13.78 17.51
C VAL A 177 1.78 -13.65 16.29
N VAL A 178 0.93 -14.65 16.06
CA VAL A 178 0.03 -14.60 14.92
C VAL A 178 -1.43 -14.38 15.34
N LYS A 179 -2.17 -13.68 14.50
CA LYS A 179 -3.54 -13.36 14.83
C LYS A 179 -4.53 -13.67 13.71
N ILE A 180 -5.68 -14.22 14.08
CA ILE A 180 -6.72 -14.55 13.12
C ILE A 180 -7.50 -13.27 12.81
N CYS A 181 -7.64 -12.95 11.53
CA CYS A 181 -8.40 -11.77 11.18
C CYS A 181 -9.36 -12.14 10.06
N ASP A 182 -10.01 -11.14 9.48
CA ASP A 182 -10.92 -11.39 8.37
C ASP A 182 -11.04 -10.11 7.54
N PHE A 183 -10.38 -10.08 6.40
CA PHE A 183 -10.43 -8.91 5.54
C PHE A 183 -11.78 -8.72 4.84
N GLY A 184 -12.55 -9.79 4.74
CA GLY A 184 -13.86 -9.72 4.10
C GLY A 184 -14.76 -8.59 4.57
N PRO A 204 -12.92 -19.24 -2.63
CA PRO A 204 -12.02 -19.96 -1.74
C PRO A 204 -12.34 -21.45 -1.74
N LEU A 205 -12.64 -21.99 -2.93
CA LEU A 205 -12.97 -23.40 -3.07
C LEU A 205 -11.91 -24.34 -2.53
N LYS A 206 -10.65 -23.95 -2.66
CA LYS A 206 -9.54 -24.78 -2.20
C LYS A 206 -9.44 -24.92 -0.68
N TRP A 207 -10.16 -24.09 0.06
CA TRP A 207 -10.14 -24.16 1.52
C TRP A 207 -11.46 -24.68 2.06
N MET A 208 -12.37 -25.04 1.15
CA MET A 208 -13.71 -25.51 1.49
C MET A 208 -13.92 -27.01 1.65
N ALA A 209 -14.53 -27.38 2.78
CA ALA A 209 -14.84 -28.77 3.06
C ALA A 209 -15.84 -29.30 2.04
N PRO A 210 -15.83 -30.61 1.79
CA PRO A 210 -16.73 -31.24 0.84
C PRO A 210 -18.21 -30.89 1.09
N GLU A 211 -18.61 -30.85 2.36
CA GLU A 211 -20.00 -30.55 2.67
C GLU A 211 -20.31 -29.09 2.39
N THR A 212 -19.31 -28.23 2.50
CA THR A 212 -19.54 -26.83 2.22
C THR A 212 -19.76 -26.62 0.72
N ILE A 213 -18.94 -27.28 -0.08
CA ILE A 213 -19.05 -27.16 -1.54
C ILE A 213 -20.38 -27.72 -2.05
N PHE A 214 -20.68 -28.95 -1.65
CA PHE A 214 -21.87 -29.64 -2.12
C PHE A 214 -23.20 -29.38 -1.40
N ASP A 215 -23.15 -29.08 -0.10
CA ASP A 215 -24.37 -28.84 0.66
C ASP A 215 -24.46 -27.42 1.22
N ARG A 216 -23.49 -26.58 0.90
CA ARG A 216 -23.50 -25.21 1.40
C ARG A 216 -23.62 -25.18 2.92
N VAL A 217 -23.05 -26.17 3.58
CA VAL A 217 -23.09 -26.26 5.03
C VAL A 217 -21.81 -25.71 5.66
N TYR A 218 -21.94 -24.72 6.52
CA TYR A 218 -20.78 -24.15 7.21
C TYR A 218 -20.90 -24.45 8.68
N THR A 219 -19.91 -25.12 9.25
CA THR A 219 -19.92 -25.44 10.68
C THR A 219 -18.52 -25.32 11.24
N ILE A 220 -18.41 -25.56 12.54
CA ILE A 220 -17.10 -25.51 13.18
C ILE A 220 -16.25 -26.61 12.56
N GLN A 221 -16.89 -27.71 12.19
CA GLN A 221 -16.19 -28.83 11.58
C GLN A 221 -15.67 -28.48 10.17
N SER A 222 -16.36 -27.61 9.45
CA SER A 222 -15.86 -27.24 8.14
C SER A 222 -14.69 -26.28 8.38
N ASP A 223 -14.69 -25.58 9.51
CA ASP A 223 -13.58 -24.69 9.83
C ASP A 223 -12.35 -25.57 10.13
N VAL A 224 -12.57 -26.74 10.72
CA VAL A 224 -11.45 -27.64 11.01
C VAL A 224 -10.84 -28.11 9.67
N TRP A 225 -11.69 -28.39 8.68
CA TRP A 225 -11.16 -28.80 7.39
C TRP A 225 -10.25 -27.69 6.86
N SER A 226 -10.74 -26.45 6.88
CA SER A 226 -9.96 -25.30 6.42
C SER A 226 -8.65 -25.17 7.14
N PHE A 227 -8.65 -25.42 8.45
CA PHE A 227 -7.44 -25.36 9.27
C PHE A 227 -6.42 -26.36 8.73
N GLY A 228 -6.91 -27.51 8.29
CA GLY A 228 -6.03 -28.53 7.73
C GLY A 228 -5.29 -27.98 6.50
N VAL A 229 -5.99 -27.17 5.71
CA VAL A 229 -5.40 -26.55 4.51
C VAL A 229 -4.41 -25.47 4.99
N LEU A 230 -4.79 -24.76 6.04
CA LEU A 230 -3.89 -23.74 6.60
C LEU A 230 -2.61 -24.44 7.03
N LEU A 231 -2.71 -25.61 7.66
CA LEU A 231 -1.48 -26.30 8.07
C LEU A 231 -0.60 -26.58 6.86
N TRP A 232 -1.20 -27.07 5.78
CA TRP A 232 -0.45 -27.37 4.56
C TRP A 232 0.25 -26.09 4.05
N GLU A 233 -0.44 -24.95 4.09
CA GLU A 233 0.13 -23.68 3.65
C GLU A 233 1.36 -23.30 4.47
N ILE A 234 1.25 -23.43 5.80
CA ILE A 234 2.35 -23.12 6.67
C ILE A 234 3.53 -24.06 6.39
N PHE A 235 3.28 -25.36 6.33
CA PHE A 235 4.36 -26.32 6.09
C PHE A 235 4.82 -26.49 4.63
N SER A 236 4.43 -25.56 3.77
CA SER A 236 4.87 -25.56 2.36
C SER A 236 5.50 -24.18 2.22
N LEU A 237 5.58 -23.48 3.34
CA LEU A 237 6.10 -22.12 3.39
C LEU A 237 5.37 -21.18 2.44
N GLY A 238 4.05 -21.11 2.58
CA GLY A 238 3.27 -20.21 1.76
C GLY A 238 2.94 -20.59 0.31
N ALA A 239 2.98 -21.88 -0.01
CA ALA A 239 2.64 -22.31 -1.37
C ALA A 239 1.12 -22.28 -1.55
N SER A 240 0.67 -22.35 -2.79
CA SER A 240 -0.76 -22.35 -3.10
C SER A 240 -1.22 -23.80 -3.02
N PRO A 241 -2.38 -24.07 -2.40
CA PRO A 241 -2.94 -25.43 -2.25
C PRO A 241 -3.25 -26.14 -3.57
N TYR A 242 -3.14 -27.45 -3.57
CA TYR A 242 -3.43 -28.26 -4.77
C TYR A 242 -2.68 -27.70 -5.98
N PRO A 243 -1.34 -27.73 -5.94
CA PRO A 243 -0.48 -27.23 -7.02
C PRO A 243 -0.68 -27.96 -8.36
N GLY A 244 -0.90 -27.18 -9.41
CA GLY A 244 -1.08 -27.76 -10.72
C GLY A 244 -2.44 -28.39 -11.00
N VAL A 245 -3.38 -28.25 -10.07
CA VAL A 245 -4.69 -28.82 -10.26
C VAL A 245 -5.71 -27.75 -10.65
N LYS A 246 -6.48 -28.03 -11.70
CA LYS A 246 -7.50 -27.08 -12.12
C LYS A 246 -8.68 -27.28 -11.18
N ILE A 247 -9.24 -26.18 -10.71
CA ILE A 247 -10.36 -26.24 -9.80
C ILE A 247 -11.65 -26.24 -10.60
N ASP A 248 -12.08 -27.44 -10.98
CA ASP A 248 -13.30 -27.58 -11.75
C ASP A 248 -14.19 -28.68 -11.19
N GLU A 249 -15.09 -29.20 -12.03
CA GLU A 249 -16.01 -30.25 -11.66
C GLU A 249 -15.26 -31.48 -11.14
N GLU A 250 -14.15 -31.85 -11.78
CA GLU A 250 -13.38 -33.01 -11.35
C GLU A 250 -12.67 -32.79 -10.03
N PHE A 251 -12.22 -31.56 -9.78
CA PHE A 251 -11.54 -31.27 -8.52
C PHE A 251 -12.49 -31.62 -7.37
N CYS A 252 -13.67 -31.02 -7.40
CA CYS A 252 -14.67 -31.24 -6.38
C CYS A 252 -15.09 -32.71 -6.25
N ARG A 253 -15.31 -33.38 -7.38
CA ARG A 253 -15.69 -34.78 -7.35
C ARG A 253 -14.67 -35.64 -6.61
N ARG A 254 -13.40 -35.49 -6.97
CA ARG A 254 -12.35 -36.29 -6.36
C ARG A 254 -12.15 -35.94 -4.88
N LEU A 255 -12.38 -34.68 -4.54
CA LEU A 255 -12.23 -34.25 -3.17
C LEU A 255 -13.29 -35.01 -2.38
N LYS A 256 -14.52 -34.94 -2.86
CA LYS A 256 -15.63 -35.63 -2.22
C LYS A 256 -15.33 -37.13 -2.09
N GLU A 257 -14.72 -37.72 -3.12
CA GLU A 257 -14.40 -39.14 -3.11
C GLU A 257 -13.18 -39.55 -2.27
N GLY A 258 -12.45 -38.58 -1.74
CA GLY A 258 -11.32 -38.96 -0.90
C GLY A 258 -9.90 -38.65 -1.31
N THR A 259 -9.71 -37.94 -2.43
CA THR A 259 -8.36 -37.60 -2.84
C THR A 259 -7.87 -36.44 -1.96
N ARG A 260 -6.58 -36.44 -1.61
CA ARG A 260 -6.02 -35.39 -0.76
C ARG A 260 -4.63 -34.91 -1.21
N MET A 261 -4.27 -33.66 -0.89
CA MET A 261 -2.95 -33.14 -1.24
C MET A 261 -1.90 -34.04 -0.60
N ARG A 262 -0.72 -34.09 -1.20
CA ARG A 262 0.37 -34.88 -0.65
C ARG A 262 1.12 -33.98 0.35
N ALA A 263 1.97 -34.59 1.18
CA ALA A 263 2.74 -33.86 2.20
C ALA A 263 3.61 -32.72 1.65
N PRO A 264 3.51 -31.52 2.25
CA PRO A 264 4.32 -30.39 1.78
C PRO A 264 5.80 -30.56 2.13
N ASP A 265 6.67 -29.80 1.44
CA ASP A 265 8.12 -29.87 1.63
C ASP A 265 8.72 -29.70 3.03
N TYR A 266 8.09 -28.94 3.92
CA TYR A 266 8.66 -28.78 5.26
C TYR A 266 7.90 -29.42 6.41
N THR A 267 7.00 -30.34 6.11
CA THR A 267 6.24 -30.97 7.17
C THR A 267 7.02 -32.07 7.87
N THR A 268 6.47 -32.50 9.01
CA THR A 268 7.00 -33.61 9.80
C THR A 268 5.92 -34.67 9.58
N PRO A 269 6.23 -35.95 9.80
CA PRO A 269 5.19 -36.97 9.59
C PRO A 269 3.94 -36.74 10.41
N GLU A 270 4.12 -36.34 11.67
CA GLU A 270 2.97 -36.10 12.53
C GLU A 270 2.10 -34.96 12.02
N MET A 271 2.71 -33.89 11.54
CA MET A 271 1.92 -32.77 11.06
C MET A 271 1.14 -33.14 9.82
N TYR A 272 1.67 -34.07 9.03
CA TYR A 272 0.95 -34.46 7.83
C TYR A 272 -0.26 -35.29 8.24
N GLN A 273 -0.08 -36.18 9.20
CA GLN A 273 -1.21 -37.01 9.65
C GLN A 273 -2.31 -36.12 10.24
N THR A 274 -1.92 -35.07 10.97
CA THR A 274 -2.91 -34.14 11.55
C THR A 274 -3.69 -33.47 10.43
N MET A 275 -3.00 -33.12 9.35
CA MET A 275 -3.64 -32.52 8.19
C MET A 275 -4.66 -33.50 7.64
N LEU A 276 -4.26 -34.78 7.54
CA LEU A 276 -5.17 -35.81 7.03
C LEU A 276 -6.36 -35.99 7.96
N ASP A 277 -6.09 -35.93 9.28
CA ASP A 277 -7.15 -36.04 10.28
C ASP A 277 -8.14 -34.90 10.07
N CYS A 278 -7.64 -33.71 9.74
CA CYS A 278 -8.50 -32.55 9.52
C CYS A 278 -9.36 -32.68 8.26
N TRP A 279 -8.88 -33.46 7.29
CA TRP A 279 -9.59 -33.64 6.03
C TRP A 279 -10.40 -34.92 5.96
N HIS A 280 -10.83 -35.43 7.10
CA HIS A 280 -11.63 -36.64 7.11
C HIS A 280 -12.94 -36.31 6.39
N GLY A 281 -13.42 -37.24 5.57
CA GLY A 281 -14.67 -37.00 4.85
C GLY A 281 -15.88 -36.84 5.77
N GLU A 282 -15.89 -37.54 6.89
CA GLU A 282 -17.01 -37.43 7.82
C GLU A 282 -16.74 -36.35 8.87
N PRO A 283 -17.41 -35.20 8.75
CA PRO A 283 -17.26 -34.06 9.66
C PRO A 283 -17.15 -34.41 11.15
N SER A 284 -17.95 -35.34 11.63
CA SER A 284 -17.89 -35.69 13.05
C SER A 284 -16.67 -36.54 13.40
N GLN A 285 -15.88 -36.94 12.41
CA GLN A 285 -14.69 -37.75 12.70
C GLN A 285 -13.42 -36.91 12.71
N ARG A 286 -13.55 -35.65 12.32
CA ARG A 286 -12.43 -34.70 12.33
C ARG A 286 -12.17 -34.32 13.78
N PRO A 287 -10.92 -33.98 14.13
CA PRO A 287 -10.65 -33.59 15.52
C PRO A 287 -11.29 -32.25 15.82
N THR A 288 -11.48 -31.94 17.10
CA THR A 288 -12.04 -30.66 17.51
C THR A 288 -10.85 -29.72 17.70
N PHE A 289 -11.10 -28.42 17.74
CA PHE A 289 -10.00 -27.49 17.93
C PHE A 289 -9.32 -27.71 19.27
N SER A 290 -10.07 -28.15 20.29
CA SER A 290 -9.44 -28.41 21.59
C SER A 290 -8.46 -29.58 21.44
N GLU A 291 -8.82 -30.58 20.64
CA GLU A 291 -7.92 -31.70 20.46
C GLU A 291 -6.69 -31.25 19.67
N LEU A 292 -6.89 -30.34 18.71
CA LEU A 292 -5.76 -29.84 17.94
C LEU A 292 -4.82 -29.01 18.83
N VAL A 293 -5.39 -28.20 19.71
CA VAL A 293 -4.53 -27.39 20.61
C VAL A 293 -3.68 -28.33 21.48
N GLU A 294 -4.30 -29.36 22.02
CA GLU A 294 -3.59 -30.31 22.86
C GLU A 294 -2.49 -31.03 22.06
N HIS A 295 -2.88 -31.58 20.91
CA HIS A 295 -1.93 -32.29 20.05
C HIS A 295 -0.76 -31.43 19.60
N LEU A 296 -1.06 -30.26 19.05
CA LEU A 296 0.00 -29.38 18.58
C LEU A 296 0.91 -28.94 19.71
N GLY A 297 0.35 -28.78 20.92
CA GLY A 297 1.17 -28.37 22.05
C GLY A 297 2.18 -29.47 22.36
N ASN A 298 1.73 -30.72 22.26
CA ASN A 298 2.59 -31.87 22.51
C ASN A 298 3.70 -31.94 21.47
N LEU A 299 3.37 -31.70 20.20
CA LEU A 299 4.38 -31.75 19.16
C LEU A 299 5.39 -30.61 19.35
N LEU A 300 4.89 -29.44 19.77
CA LEU A 300 5.77 -28.30 19.99
C LEU A 300 6.80 -28.60 21.08
N GLN A 301 6.35 -29.25 22.15
CA GLN A 301 7.23 -29.61 23.25
C GLN A 301 8.23 -30.69 22.84
N ALA A 302 7.77 -31.70 22.09
CA ALA A 302 8.68 -32.76 21.65
C ALA A 302 9.74 -32.16 20.73
N ASN A 303 9.33 -31.22 19.88
CA ASN A 303 10.27 -30.58 18.96
C ASN A 303 11.29 -29.77 19.74
N ALA A 304 10.84 -29.08 20.78
CA ALA A 304 11.75 -28.28 21.60
C ALA A 304 12.76 -29.19 22.30
N GLN A 305 12.31 -30.33 22.80
CA GLN A 305 13.25 -31.24 23.49
C GLN A 305 14.28 -31.76 22.51
N GLN A 306 13.84 -32.15 21.32
CA GLN A 306 14.74 -32.62 20.29
C GLN A 306 15.78 -31.54 20.01
N ASP A 307 15.32 -30.30 19.83
CA ASP A 307 16.18 -29.14 19.58
C ASP A 307 17.18 -28.91 20.70
N ARG A 308 16.78 -29.11 21.95
CA ARG A 308 17.70 -28.89 23.06
C ARG A 308 18.83 -29.93 22.98
N HIS A 309 18.51 -31.15 22.54
CA HIS A 309 19.56 -32.17 22.41
C HIS A 309 20.47 -31.89 21.23
N HIS A 310 19.90 -31.39 20.13
CA HIS A 310 20.72 -31.12 18.96
C HIS A 310 21.71 -30.03 19.36
N HIS A 311 21.19 -28.99 20.00
CA HIS A 311 22.00 -27.85 20.43
C HIS A 311 23.10 -28.27 21.42
N HIS A 312 22.74 -29.13 22.36
CA HIS A 312 23.68 -29.58 23.38
C HIS A 312 24.80 -30.47 22.85
N HIS A 313 24.45 -31.41 21.97
CA HIS A 313 25.45 -32.31 21.42
C HIS A 313 26.38 -31.75 20.37
N HIS A 314 26.05 -30.60 19.80
CA HIS A 314 26.92 -30.03 18.79
C HIS A 314 27.38 -28.64 19.16
N TYR B 8 -16.07 30.31 -9.37
CA TYR B 8 -15.63 29.75 -8.06
C TYR B 8 -16.80 29.23 -7.24
N ASP B 9 -17.00 27.92 -7.28
CA ASP B 9 -18.06 27.26 -6.54
C ASP B 9 -17.66 27.14 -5.08
N ALA B 10 -17.71 28.26 -4.36
CA ALA B 10 -17.33 28.28 -2.96
C ALA B 10 -18.04 27.18 -2.19
N SER B 11 -19.24 26.83 -2.63
CA SER B 11 -20.04 25.81 -1.97
C SER B 11 -19.27 24.49 -1.94
N LYS B 12 -18.42 24.30 -2.94
CA LYS B 12 -17.68 23.06 -3.02
C LYS B 12 -16.20 23.16 -2.68
N TRP B 13 -15.62 24.36 -2.77
CA TRP B 13 -14.20 24.51 -2.52
C TRP B 13 -13.72 25.30 -1.30
N GLU B 14 -14.52 26.24 -0.81
CA GLU B 14 -14.12 27.05 0.34
C GLU B 14 -14.00 26.22 1.61
N PHE B 15 -12.86 26.35 2.31
CA PHE B 15 -12.63 25.59 3.54
C PHE B 15 -12.35 26.55 4.69
N PRO B 16 -13.05 26.38 5.82
CA PRO B 16 -12.88 27.22 7.00
C PRO B 16 -11.43 27.31 7.45
N ARG B 17 -10.93 28.52 7.65
CA ARG B 17 -9.55 28.71 8.10
C ARG B 17 -9.35 28.14 9.50
N ASP B 18 -10.44 28.01 10.25
CA ASP B 18 -10.37 27.47 11.61
C ASP B 18 -10.09 25.97 11.61
N ARG B 19 -10.50 25.28 10.55
CA ARG B 19 -10.30 23.83 10.46
C ARG B 19 -8.95 23.49 9.83
N LEU B 20 -8.10 24.49 9.74
CA LEU B 20 -6.76 24.32 9.16
C LEU B 20 -5.73 24.80 10.19
N LYS B 21 -4.77 23.94 10.51
CA LYS B 21 -3.73 24.29 11.48
C LYS B 21 -2.35 24.23 10.81
N LEU B 22 -1.81 25.41 10.49
CA LEU B 22 -0.52 25.50 9.81
C LEU B 22 0.67 24.94 10.59
N GLY B 23 1.59 24.34 9.84
CA GLY B 23 2.77 23.76 10.43
C GLY B 23 4.05 24.39 9.90
N LYS B 24 5.08 23.56 9.71
CA LYS B 24 6.36 24.05 9.22
C LYS B 24 6.41 24.15 7.70
N PRO B 25 7.30 25.00 7.19
CA PRO B 25 7.53 25.26 5.77
C PRO B 25 8.04 24.05 5.00
N LEU B 26 7.48 23.85 3.81
CA LEU B 26 7.86 22.74 2.93
C LEU B 26 8.68 23.30 1.78
N GLY B 27 8.62 24.61 1.62
CA GLY B 27 9.36 25.25 0.55
C GLY B 27 9.03 26.72 0.49
N ARG B 28 10.00 27.54 0.10
CA ARG B 28 9.78 28.98 0.04
C ARG B 28 10.66 29.64 -1.02
N GLN B 33 4.86 30.62 -0.97
CA GLN B 33 5.20 29.88 0.23
C GLN B 33 4.32 28.63 0.37
N VAL B 34 4.96 27.47 0.53
CA VAL B 34 4.21 26.24 0.68
C VAL B 34 4.45 25.71 2.08
N ILE B 35 3.35 25.54 2.82
CA ILE B 35 3.42 25.07 4.19
C ILE B 35 2.67 23.76 4.42
N GLU B 36 3.09 23.03 5.44
CA GLU B 36 2.46 21.78 5.82
C GLU B 36 1.42 22.11 6.88
N ALA B 37 0.30 21.38 6.90
CA ALA B 37 -0.72 21.66 7.89
C ALA B 37 -1.65 20.49 8.17
N ASP B 38 -2.39 20.60 9.27
CA ASP B 38 -3.38 19.60 9.62
C ASP B 38 -4.73 20.21 9.27
N ALA B 39 -5.53 19.46 8.52
CA ALA B 39 -6.85 19.92 8.13
C ALA B 39 -7.89 19.02 8.81
N PHE B 40 -8.91 19.64 9.39
CA PHE B 40 -9.97 18.90 10.05
C PHE B 40 -11.21 18.81 9.18
N GLY B 41 -11.51 17.58 8.76
CA GLY B 41 -12.68 17.32 7.93
C GLY B 41 -12.68 17.93 6.53
N ILE B 42 -11.53 17.94 5.87
CA ILE B 42 -11.46 18.50 4.52
C ILE B 42 -12.07 17.56 3.47
N ASP B 43 -12.32 16.31 3.85
CA ASP B 43 -12.90 15.37 2.91
C ASP B 43 -14.09 14.67 3.57
N LYS B 44 -14.80 13.82 2.83
CA LYS B 44 -15.97 13.15 3.38
C LYS B 44 -15.74 12.17 4.53
N THR B 45 -14.49 11.80 4.82
CA THR B 45 -14.27 10.86 5.92
C THR B 45 -14.33 11.55 7.28
N ALA B 46 -14.41 12.88 7.25
CA ALA B 46 -14.47 13.70 8.47
C ALA B 46 -13.34 13.43 9.45
N THR B 47 -12.18 13.03 8.92
CA THR B 47 -11.02 12.74 9.74
C THR B 47 -9.98 13.85 9.69
N CYS B 48 -8.82 13.60 10.27
CA CYS B 48 -7.74 14.57 10.28
C CYS B 48 -6.82 14.23 9.11
N ARG B 49 -6.33 15.23 8.41
CA ARG B 49 -5.48 14.97 7.26
C ARG B 49 -4.32 15.95 7.11
N THR B 50 -3.13 15.41 6.82
CA THR B 50 -1.97 16.26 6.60
C THR B 50 -2.10 16.82 5.19
N VAL B 51 -2.00 18.13 5.03
CA VAL B 51 -2.12 18.74 3.71
C VAL B 51 -1.00 19.75 3.45
N ALA B 52 -0.85 20.13 2.18
CA ALA B 52 0.16 21.10 1.77
C ALA B 52 -0.60 22.36 1.39
N VAL B 53 -0.17 23.50 1.91
CA VAL B 53 -0.82 24.77 1.64
C VAL B 53 0.10 25.76 0.95
N LYS B 54 -0.31 26.27 -0.21
CA LYS B 54 0.51 27.25 -0.90
C LYS B 54 -0.14 28.60 -0.64
N MET B 55 0.67 29.58 -0.24
CA MET B 55 0.16 30.90 0.06
C MET B 55 1.16 32.01 -0.29
N LEU B 56 0.72 33.26 -0.20
CA LEU B 56 1.59 34.39 -0.51
C LEU B 56 2.31 34.92 0.74
N LYS B 57 3.37 35.70 0.52
CA LYS B 57 4.12 36.29 1.62
C LYS B 57 3.61 37.69 1.85
N GLU B 58 3.93 38.27 3.00
CA GLU B 58 3.49 39.64 3.30
C GLU B 58 4.21 40.57 2.36
N GLY B 59 3.48 41.58 1.91
CA GLY B 59 4.05 42.55 1.00
C GLY B 59 3.96 42.03 -0.42
N ALA B 60 2.97 41.19 -0.69
CA ALA B 60 2.78 40.66 -2.03
C ALA B 60 1.82 41.58 -2.76
N THR B 61 2.06 41.81 -4.04
CA THR B 61 1.20 42.68 -4.85
C THR B 61 -0.06 41.98 -5.29
N HIS B 62 -1.01 42.73 -5.83
CA HIS B 62 -2.26 42.17 -6.29
C HIS B 62 -2.06 41.26 -7.49
N SER B 63 -1.00 41.50 -8.26
CA SER B 63 -0.77 40.63 -9.41
C SER B 63 -0.40 39.23 -8.91
N GLU B 64 0.32 39.17 -7.80
CA GLU B 64 0.68 37.87 -7.24
C GLU B 64 -0.60 37.18 -6.78
N HIS B 65 -1.44 37.91 -6.04
CA HIS B 65 -2.69 37.37 -5.56
C HIS B 65 -3.52 36.83 -6.73
N ARG B 66 -3.54 37.60 -7.82
CA ARG B 66 -4.27 37.19 -9.00
C ARG B 66 -3.64 35.96 -9.63
N ALA B 67 -2.31 35.86 -9.53
CA ALA B 67 -1.58 34.73 -10.07
C ALA B 67 -1.97 33.45 -9.33
N LEU B 68 -2.01 33.52 -8.00
CA LEU B 68 -2.36 32.37 -7.19
C LEU B 68 -3.83 31.99 -7.41
N MET B 69 -4.68 33.01 -7.54
CA MET B 69 -6.12 32.78 -7.77
C MET B 69 -6.34 32.07 -9.09
N SER B 70 -5.56 32.44 -10.10
CA SER B 70 -5.72 31.83 -11.41
C SER B 70 -5.29 30.37 -11.36
N GLU B 71 -4.28 30.08 -10.56
CA GLU B 71 -3.80 28.72 -10.41
C GLU B 71 -4.92 27.89 -9.79
N LEU B 72 -5.62 28.48 -8.82
CA LEU B 72 -6.72 27.80 -8.15
C LEU B 72 -7.84 27.48 -9.14
N LYS B 73 -8.23 28.47 -9.92
CA LYS B 73 -9.28 28.35 -10.92
C LYS B 73 -8.95 27.27 -11.93
N ILE B 74 -7.70 27.28 -12.40
CA ILE B 74 -7.28 26.30 -13.40
C ILE B 74 -7.24 24.88 -12.84
N LEU B 75 -6.82 24.73 -11.58
CA LEU B 75 -6.77 23.41 -10.98
C LEU B 75 -8.19 22.88 -10.84
N ILE B 76 -9.12 23.79 -10.55
CA ILE B 76 -10.52 23.42 -10.41
C ILE B 76 -11.04 23.03 -11.79
N HIS B 77 -10.60 23.78 -12.80
CA HIS B 77 -11.01 23.56 -14.17
C HIS B 77 -10.58 22.22 -14.75
N ILE B 78 -9.28 21.96 -14.75
CA ILE B 78 -8.74 20.72 -15.31
C ILE B 78 -9.38 19.48 -14.68
N GLY B 79 -9.66 19.54 -13.38
CA GLY B 79 -10.25 18.39 -12.72
C GLY B 79 -9.21 17.46 -12.13
N HIS B 80 -9.69 16.35 -11.57
CA HIS B 80 -8.83 15.37 -10.93
C HIS B 80 -8.15 14.35 -11.83
N HIS B 81 -7.02 13.84 -11.35
CA HIS B 81 -6.25 12.82 -12.03
C HIS B 81 -5.27 12.27 -10.99
N LEU B 82 -5.09 10.96 -10.99
CA LEU B 82 -4.19 10.32 -10.04
C LEU B 82 -2.76 10.84 -10.11
N ASN B 83 -2.31 11.20 -11.30
CA ASN B 83 -0.94 11.67 -11.50
C ASN B 83 -0.69 13.17 -11.47
N VAL B 84 -1.60 13.89 -10.82
CA VAL B 84 -1.47 15.32 -10.65
C VAL B 84 -1.89 15.58 -9.21
N VAL B 85 -1.09 16.35 -8.48
CA VAL B 85 -1.38 16.64 -7.07
C VAL B 85 -2.81 17.19 -6.94
N ASN B 86 -3.67 16.47 -6.21
CA ASN B 86 -5.06 16.87 -6.05
C ASN B 86 -5.33 18.10 -5.18
N LEU B 87 -6.17 19.00 -5.69
CA LEU B 87 -6.57 20.20 -4.95
C LEU B 87 -7.63 19.72 -3.95
N LEU B 88 -7.56 20.15 -2.70
CA LEU B 88 -8.55 19.73 -1.72
C LEU B 88 -9.47 20.86 -1.29
N GLY B 89 -9.00 22.10 -1.42
CA GLY B 89 -9.81 23.23 -1.02
C GLY B 89 -9.05 24.54 -1.09
N ALA B 90 -9.73 25.61 -0.71
CA ALA B 90 -9.12 26.93 -0.73
C ALA B 90 -9.69 27.85 0.34
N CYS B 91 -8.90 28.85 0.71
CA CYS B 91 -9.32 29.84 1.70
C CYS B 91 -9.21 31.18 0.98
N THR B 92 -10.34 31.65 0.47
CA THR B 92 -10.39 32.90 -0.27
C THR B 92 -11.19 34.01 0.40
N LYS B 93 -12.21 33.63 1.16
CA LYS B 93 -13.04 34.63 1.81
C LYS B 93 -12.22 35.53 2.72
N PRO B 94 -12.67 36.79 2.88
CA PRO B 94 -11.97 37.76 3.72
C PRO B 94 -11.82 37.28 5.17
N GLY B 95 -10.68 37.63 5.77
CA GLY B 95 -10.41 37.23 7.14
C GLY B 95 -8.98 36.75 7.31
N GLY B 96 -8.40 36.26 6.21
CA GLY B 96 -7.04 35.76 6.26
C GLY B 96 -6.42 35.65 4.88
N PRO B 97 -5.15 35.23 4.80
CA PRO B 97 -4.39 35.06 3.56
C PRO B 97 -5.05 34.09 2.59
N LEU B 98 -4.81 34.31 1.30
CA LEU B 98 -5.35 33.45 0.27
C LEU B 98 -4.55 32.15 0.35
N MET B 99 -5.24 31.05 0.58
CA MET B 99 -4.56 29.76 0.68
C MET B 99 -5.13 28.74 -0.29
N VAL B 100 -4.22 27.97 -0.91
CA VAL B 100 -4.59 26.92 -1.86
C VAL B 100 -4.12 25.60 -1.25
N ILE B 101 -5.07 24.73 -0.92
CA ILE B 101 -4.77 23.45 -0.28
C ILE B 101 -4.79 22.22 -1.17
N THR B 102 -3.72 21.43 -1.09
CA THR B 102 -3.62 20.20 -1.87
C THR B 102 -3.28 19.03 -0.96
N GLU B 103 -3.31 17.82 -1.52
CA GLU B 103 -2.99 16.62 -0.77
C GLU B 103 -1.50 16.64 -0.44
N PHE B 104 -1.09 15.90 0.59
CA PHE B 104 0.32 15.83 1.01
C PHE B 104 0.98 14.55 0.49
N CYS B 105 2.10 14.70 -0.21
CA CYS B 105 2.84 13.55 -0.74
C CYS B 105 4.01 13.31 0.21
N LYS B 106 3.86 12.32 1.09
CA LYS B 106 4.87 12.07 2.11
C LYS B 106 6.33 11.89 1.71
N PHE B 107 6.60 11.34 0.53
CA PHE B 107 8.00 11.13 0.18
C PHE B 107 8.72 12.29 -0.48
N GLY B 108 8.00 13.36 -0.80
CA GLY B 108 8.66 14.53 -1.37
C GLY B 108 9.05 14.46 -2.84
N ASN B 109 9.88 15.41 -3.26
CA ASN B 109 10.30 15.48 -4.66
C ASN B 109 11.15 14.27 -5.09
N LEU B 110 10.92 13.84 -6.32
CA LEU B 110 11.57 12.68 -6.90
C LEU B 110 13.10 12.77 -6.98
N SER B 111 13.63 13.97 -7.25
CA SER B 111 15.09 14.13 -7.34
C SER B 111 15.77 13.77 -6.02
N THR B 112 15.29 14.35 -4.92
CA THR B 112 15.86 14.10 -3.59
C THR B 112 15.68 12.62 -3.24
N TYR B 113 14.47 12.12 -3.43
CA TYR B 113 14.17 10.72 -3.15
C TYR B 113 15.08 9.75 -3.87
N LEU B 114 15.14 9.86 -5.20
CA LEU B 114 15.97 8.96 -5.98
C LEU B 114 17.42 9.01 -5.50
N ARG B 115 17.92 10.21 -5.17
CA ARG B 115 19.29 10.34 -4.69
C ARG B 115 19.53 9.53 -3.43
N SER B 116 18.50 9.44 -2.59
CA SER B 116 18.57 8.71 -1.33
C SER B 116 18.42 7.20 -1.48
N LYS B 117 18.13 6.73 -2.70
CA LYS B 117 17.96 5.30 -2.89
C LYS B 117 19.07 4.69 -3.73
N ARG B 118 20.07 5.50 -4.11
CA ARG B 118 21.17 5.02 -4.91
C ARG B 118 21.87 3.80 -4.30
N ASN B 119 22.01 3.79 -2.98
CA ASN B 119 22.66 2.68 -2.28
C ASN B 119 21.70 1.50 -2.10
N GLU B 120 20.44 1.67 -2.47
CA GLU B 120 19.46 0.60 -2.33
C GLU B 120 18.76 0.39 -3.65
N PHE B 121 19.54 0.30 -4.72
CA PHE B 121 18.96 0.10 -6.04
C PHE B 121 19.53 -1.14 -6.70
N VAL B 122 18.71 -1.85 -7.45
CA VAL B 122 19.13 -3.04 -8.17
C VAL B 122 18.56 -3.00 -9.58
N PRO B 123 19.40 -3.26 -10.58
CA PRO B 123 19.01 -3.25 -12.00
C PRO B 123 17.87 -4.23 -12.27
N PHE B 135 13.81 -1.95 -1.68
CA PHE B 135 14.76 -1.79 -2.77
C PHE B 135 14.14 -1.14 -3.99
N LEU B 136 14.78 -0.08 -4.48
CA LEU B 136 14.29 0.60 -5.66
C LEU B 136 14.74 -0.25 -6.84
N THR B 137 13.89 -0.42 -7.84
CA THR B 137 14.28 -1.23 -8.98
C THR B 137 14.11 -0.49 -10.30
N LEU B 138 14.71 -1.04 -11.34
CA LEU B 138 14.64 -0.48 -12.68
C LEU B 138 13.17 -0.39 -13.07
N GLU B 139 12.38 -1.32 -12.53
CA GLU B 139 10.96 -1.36 -12.80
C GLU B 139 10.25 -0.12 -12.24
N HIS B 140 10.67 0.32 -11.05
CA HIS B 140 10.08 1.50 -10.45
C HIS B 140 10.35 2.73 -11.31
N LEU B 141 11.57 2.81 -11.83
CA LEU B 141 11.97 3.94 -12.66
C LEU B 141 11.07 4.06 -13.89
N ILE B 142 10.87 2.95 -14.59
CA ILE B 142 10.02 2.99 -15.76
C ILE B 142 8.59 3.34 -15.35
N CYS B 143 8.11 2.75 -14.27
CA CYS B 143 6.77 3.03 -13.78
C CYS B 143 6.55 4.51 -13.47
N TYR B 144 7.54 5.16 -12.84
CA TYR B 144 7.41 6.58 -12.54
C TYR B 144 7.35 7.36 -13.84
N SER B 145 8.16 6.95 -14.80
CA SER B 145 8.18 7.63 -16.08
C SER B 145 6.81 7.52 -16.73
N PHE B 146 6.29 6.31 -16.80
CA PHE B 146 4.99 6.05 -17.38
C PHE B 146 3.92 6.95 -16.75
N GLN B 147 3.87 6.99 -15.42
CA GLN B 147 2.90 7.81 -14.70
C GLN B 147 2.96 9.30 -15.04
N VAL B 148 4.17 9.85 -15.13
CA VAL B 148 4.31 11.26 -15.46
C VAL B 148 3.80 11.52 -16.88
N ALA B 149 4.06 10.57 -17.79
CA ALA B 149 3.57 10.72 -19.15
C ALA B 149 2.05 10.81 -19.12
N LYS B 150 1.41 9.86 -18.41
CA LYS B 150 -0.04 9.85 -18.31
C LYS B 150 -0.56 11.15 -17.70
N GLY B 151 0.15 11.65 -16.69
CA GLY B 151 -0.26 12.90 -16.07
C GLY B 151 -0.14 14.05 -17.06
N MET B 152 0.95 14.04 -17.83
CA MET B 152 1.17 15.08 -18.83
C MET B 152 0.17 14.96 -19.97
N GLU B 153 -0.19 13.73 -20.32
CA GLU B 153 -1.16 13.52 -21.40
C GLU B 153 -2.49 14.15 -20.98
N PHE B 154 -2.87 13.92 -19.73
CA PHE B 154 -4.10 14.48 -19.17
C PHE B 154 -4.04 15.99 -19.31
N LEU B 155 -3.00 16.61 -18.75
CA LEU B 155 -2.84 18.05 -18.83
C LEU B 155 -2.93 18.54 -20.28
N ALA B 156 -2.26 17.87 -21.20
CA ALA B 156 -2.30 18.29 -22.60
C ALA B 156 -3.75 18.26 -23.10
N SER B 157 -4.48 17.23 -22.72
CA SER B 157 -5.87 17.09 -23.15
C SER B 157 -6.74 18.24 -22.65
N ARG B 158 -6.42 18.75 -21.46
CA ARG B 158 -7.20 19.86 -20.89
C ARG B 158 -6.72 21.20 -21.49
N LYS B 159 -5.73 21.11 -22.37
CA LYS B 159 -5.14 22.28 -23.05
C LYS B 159 -4.27 23.12 -22.11
N CYS B 160 -3.46 22.44 -21.30
CA CYS B 160 -2.55 23.12 -20.37
C CYS B 160 -1.10 22.85 -20.74
N ILE B 161 -0.22 23.74 -20.27
CA ILE B 161 1.22 23.65 -20.51
C ILE B 161 1.90 23.86 -19.17
N HIS B 162 2.65 22.88 -18.70
CA HIS B 162 3.31 23.01 -17.40
C HIS B 162 4.34 24.14 -17.33
N ARG B 163 5.26 24.17 -18.29
CA ARG B 163 6.30 25.19 -18.38
C ARG B 163 7.49 25.05 -17.42
N ASP B 164 7.45 24.03 -16.55
CA ASP B 164 8.55 23.81 -15.61
C ASP B 164 8.57 22.37 -15.10
N LEU B 165 8.43 21.43 -16.02
CA LEU B 165 8.44 20.02 -15.69
C LEU B 165 9.86 19.57 -15.35
N ALA B 166 10.06 19.12 -14.12
CA ALA B 166 11.38 18.67 -13.68
C ALA B 166 11.20 17.77 -12.48
N ALA B 167 12.20 16.93 -12.21
CA ALA B 167 12.12 16.02 -11.07
C ALA B 167 11.69 16.78 -9.81
N ARG B 168 12.19 18.00 -9.64
CA ARG B 168 11.83 18.79 -8.45
C ARG B 168 10.34 19.07 -8.37
N ASN B 169 9.64 18.96 -9.51
CA ASN B 169 8.20 19.19 -9.50
C ASN B 169 7.39 17.92 -9.60
N ILE B 170 8.04 16.80 -9.30
CA ILE B 170 7.38 15.51 -9.32
C ILE B 170 7.41 15.01 -7.89
N LEU B 171 6.26 14.78 -7.29
CA LEU B 171 6.22 14.31 -5.91
C LEU B 171 5.90 12.82 -5.82
N LEU B 172 6.51 12.16 -4.84
CA LEU B 172 6.30 10.73 -4.64
C LEU B 172 5.36 10.48 -3.48
N SER B 173 4.27 9.79 -3.77
CA SER B 173 3.30 9.48 -2.72
C SER B 173 3.42 7.99 -2.36
N GLU B 174 2.59 7.55 -1.44
CA GLU B 174 2.59 6.16 -1.00
C GLU B 174 2.24 5.22 -2.16
N LYS B 175 2.61 3.95 -2.04
CA LYS B 175 2.33 2.94 -3.06
C LYS B 175 2.95 3.27 -4.42
N ASN B 176 4.13 3.89 -4.39
CA ASN B 176 4.84 4.24 -5.61
C ASN B 176 4.11 5.12 -6.61
N VAL B 177 3.16 5.93 -6.12
CA VAL B 177 2.42 6.83 -7.00
C VAL B 177 3.10 8.19 -7.01
N VAL B 178 3.38 8.71 -8.21
CA VAL B 178 4.01 10.01 -8.33
C VAL B 178 3.01 10.99 -8.91
N LYS B 179 3.12 12.25 -8.50
CA LYS B 179 2.18 13.25 -8.95
C LYS B 179 2.86 14.52 -9.40
N ILE B 180 2.33 15.12 -10.46
CA ILE B 180 2.88 16.36 -10.98
C ILE B 180 2.39 17.54 -10.15
N CYS B 181 3.31 18.39 -9.72
CA CYS B 181 2.93 19.57 -8.96
C CYS B 181 3.68 20.76 -9.52
N ASP B 182 3.64 21.89 -8.83
CA ASP B 182 4.33 23.07 -9.29
C ASP B 182 4.55 24.02 -8.12
N PHE B 183 5.77 24.02 -7.57
CA PHE B 183 6.07 24.90 -6.46
C PHE B 183 6.20 26.33 -6.97
N LEU B 203 15.58 31.41 -14.56
CA LEU B 203 15.02 30.50 -15.56
C LEU B 203 15.80 29.20 -15.65
N PRO B 204 15.12 28.05 -15.45
CA PRO B 204 15.77 26.74 -15.52
C PRO B 204 16.09 26.38 -16.98
N LEU B 205 17.12 27.04 -17.51
CA LEU B 205 17.57 26.85 -18.89
C LEU B 205 17.92 25.39 -19.20
N LYS B 206 18.38 24.65 -18.19
CA LYS B 206 18.75 23.24 -18.41
C LYS B 206 17.55 22.35 -18.74
N TRP B 207 16.34 22.82 -18.45
CA TRP B 207 15.14 22.04 -18.73
C TRP B 207 14.33 22.58 -19.92
N MET B 208 14.69 23.78 -20.37
CA MET B 208 14.02 24.44 -21.48
C MET B 208 14.48 24.00 -22.88
N ALA B 209 13.55 24.04 -23.83
CA ALA B 209 13.85 23.66 -25.20
C ALA B 209 14.48 24.87 -25.90
N PRO B 210 15.23 24.62 -26.99
CA PRO B 210 15.88 25.71 -27.73
C PRO B 210 14.92 26.85 -28.06
N GLU B 211 13.83 26.53 -28.76
CA GLU B 211 12.85 27.53 -29.14
C GLU B 211 12.40 28.37 -27.95
N THR B 212 12.25 27.75 -26.78
CA THR B 212 11.81 28.48 -25.58
C THR B 212 12.88 29.42 -25.06
N ILE B 213 14.12 28.96 -25.05
CA ILE B 213 15.21 29.80 -24.57
C ILE B 213 15.40 30.98 -25.52
N PHE B 214 15.34 30.70 -26.83
CA PHE B 214 15.50 31.73 -27.85
C PHE B 214 14.28 32.62 -28.09
N ASP B 215 13.10 32.05 -28.28
CA ASP B 215 11.91 32.86 -28.54
C ASP B 215 11.00 33.07 -27.31
N ARG B 216 11.23 32.33 -26.23
CA ARG B 216 10.41 32.44 -25.01
C ARG B 216 8.98 32.02 -25.31
N VAL B 217 8.83 30.97 -26.11
CA VAL B 217 7.52 30.46 -26.48
C VAL B 217 7.35 29.08 -25.87
N TYR B 218 6.36 28.94 -25.00
CA TYR B 218 6.11 27.65 -24.36
C TYR B 218 4.96 26.95 -25.07
N THR B 219 5.13 25.65 -25.31
CA THR B 219 4.11 24.86 -25.96
C THR B 219 4.09 23.49 -25.31
N ILE B 220 3.26 22.60 -25.84
CA ILE B 220 3.17 21.26 -25.29
C ILE B 220 4.39 20.48 -25.77
N GLN B 221 4.94 20.89 -26.90
CA GLN B 221 6.11 20.23 -27.45
C GLN B 221 7.37 20.61 -26.67
N SER B 222 7.38 21.81 -26.12
CA SER B 222 8.52 22.25 -25.35
C SER B 222 8.48 21.54 -23.98
N ASP B 223 7.28 21.11 -23.57
CA ASP B 223 7.14 20.39 -22.30
C ASP B 223 7.70 18.98 -22.53
N VAL B 224 7.50 18.44 -23.73
CA VAL B 224 7.99 17.11 -24.06
C VAL B 224 9.52 17.08 -23.96
N TRP B 225 10.16 18.17 -24.33
CA TRP B 225 11.60 18.24 -24.25
C TRP B 225 11.96 18.15 -22.77
N SER B 226 11.26 18.92 -21.94
CA SER B 226 11.52 18.89 -20.51
C SER B 226 11.31 17.46 -20.00
N PHE B 227 10.22 16.83 -20.45
CA PHE B 227 9.95 15.46 -20.04
C PHE B 227 11.22 14.66 -20.29
N GLY B 228 11.91 15.00 -21.38
CA GLY B 228 13.15 14.32 -21.72
C GLY B 228 14.25 14.56 -20.69
N VAL B 229 14.36 15.78 -20.19
CA VAL B 229 15.34 16.07 -19.19
C VAL B 229 14.92 15.31 -17.93
N LEU B 230 13.62 15.29 -17.66
CA LEU B 230 13.09 14.58 -16.49
C LEU B 230 13.46 13.09 -16.54
N LEU B 231 13.37 12.46 -17.71
CA LEU B 231 13.73 11.05 -17.83
C LEU B 231 15.20 10.84 -17.48
N TRP B 232 16.05 11.76 -17.92
CA TRP B 232 17.48 11.66 -17.64
C TRP B 232 17.67 11.78 -16.11
N GLU B 233 16.96 12.71 -15.49
CA GLU B 233 17.06 12.85 -14.03
C GLU B 233 16.71 11.53 -13.34
N ILE B 234 15.63 10.90 -13.80
CA ILE B 234 15.17 9.64 -13.22
C ILE B 234 16.16 8.48 -13.35
N PHE B 235 16.71 8.31 -14.56
CA PHE B 235 17.65 7.23 -14.82
C PHE B 235 19.10 7.55 -14.48
N SER B 236 19.29 8.66 -13.77
CA SER B 236 20.61 9.07 -13.30
C SER B 236 20.42 9.03 -11.78
N LEU B 237 19.23 8.61 -11.38
CA LEU B 237 18.86 8.55 -9.98
C LEU B 237 19.10 9.86 -9.26
N GLY B 238 18.56 10.94 -9.83
CA GLY B 238 18.66 12.25 -9.23
C GLY B 238 19.84 13.14 -9.55
N ALA B 239 20.65 12.81 -10.54
CA ALA B 239 21.79 13.66 -10.87
C ALA B 239 21.29 14.99 -11.43
N SER B 240 22.21 15.92 -11.70
CA SER B 240 21.85 17.23 -12.24
C SER B 240 22.24 17.28 -13.72
N PRO B 241 21.33 17.76 -14.60
CA PRO B 241 21.53 17.87 -16.06
C PRO B 241 22.83 18.57 -16.49
N TYR B 242 23.40 18.14 -17.61
CA TYR B 242 24.63 18.74 -18.15
C TYR B 242 25.73 18.95 -17.10
N PRO B 243 26.15 17.88 -16.45
CA PRO B 243 27.20 17.99 -15.43
C PRO B 243 28.50 18.62 -15.92
N GLY B 244 28.98 19.60 -15.16
CA GLY B 244 30.21 20.29 -15.51
C GLY B 244 30.11 21.29 -16.64
N VAL B 245 28.91 21.50 -17.19
CA VAL B 245 28.75 22.46 -18.28
C VAL B 245 28.25 23.82 -17.83
N LYS B 246 28.87 24.90 -18.29
CA LYS B 246 28.42 26.23 -17.91
C LYS B 246 27.22 26.59 -18.77
N ILE B 247 26.16 27.08 -18.12
CA ILE B 247 24.96 27.47 -18.82
C ILE B 247 25.11 28.89 -19.32
N ASP B 248 25.65 29.02 -20.53
CA ASP B 248 25.88 30.31 -21.15
C ASP B 248 25.59 30.29 -22.64
N GLU B 249 25.95 31.38 -23.32
CA GLU B 249 25.75 31.52 -24.76
C GLU B 249 26.25 30.27 -25.49
N GLU B 250 27.43 29.80 -25.12
CA GLU B 250 27.99 28.61 -25.76
C GLU B 250 27.05 27.42 -25.57
N PHE B 251 26.51 27.28 -24.36
CA PHE B 251 25.60 26.19 -24.07
C PHE B 251 24.44 26.25 -25.06
N CYS B 252 23.67 27.33 -24.96
CA CYS B 252 22.52 27.55 -25.83
C CYS B 252 22.85 27.22 -27.28
N ARG B 253 24.02 27.64 -27.75
CA ARG B 253 24.43 27.41 -29.13
C ARG B 253 24.62 25.93 -29.45
N ARG B 254 25.34 25.24 -28.57
CA ARG B 254 25.61 23.82 -28.76
C ARG B 254 24.33 23.00 -28.86
N LEU B 255 23.31 23.39 -28.10
CA LEU B 255 22.03 22.69 -28.15
C LEU B 255 21.50 22.81 -29.57
N LYS B 256 21.53 24.03 -30.11
CA LYS B 256 21.05 24.24 -31.48
C LYS B 256 21.83 23.36 -32.46
N GLU B 257 23.16 23.38 -32.37
CA GLU B 257 23.98 22.57 -33.25
C GLU B 257 23.52 21.11 -33.18
N GLY B 258 22.98 20.72 -32.02
CA GLY B 258 22.50 19.37 -31.85
C GLY B 258 23.17 18.57 -30.75
N THR B 259 23.90 19.26 -29.86
CA THR B 259 24.58 18.60 -28.76
C THR B 259 23.57 18.10 -27.73
N ARG B 260 23.74 16.86 -27.27
CA ARG B 260 22.84 16.25 -26.30
C ARG B 260 23.60 15.52 -25.19
N MET B 261 22.90 15.23 -24.10
CA MET B 261 23.51 14.53 -22.97
C MET B 261 23.76 13.07 -23.31
N ARG B 262 24.76 12.49 -22.66
CA ARG B 262 25.08 11.10 -22.87
C ARG B 262 24.17 10.31 -21.91
N ALA B 263 23.97 9.04 -22.20
CA ALA B 263 23.12 8.21 -21.38
C ALA B 263 23.53 8.22 -19.91
N PRO B 264 22.55 8.26 -19.00
CA PRO B 264 22.76 8.27 -17.55
C PRO B 264 23.15 6.87 -17.07
N ASP B 265 23.71 6.76 -15.87
CA ASP B 265 24.17 5.46 -15.36
C ASP B 265 23.18 4.32 -15.23
N TYR B 266 21.89 4.61 -15.07
CA TYR B 266 20.92 3.52 -14.91
C TYR B 266 19.86 3.41 -16.00
N THR B 267 20.11 4.00 -17.16
CA THR B 267 19.14 3.93 -18.24
C THR B 267 19.26 2.63 -19.02
N THR B 268 18.27 2.37 -19.87
CA THR B 268 18.30 1.19 -20.72
C THR B 268 18.44 1.77 -22.12
N PRO B 269 18.96 0.99 -23.06
CA PRO B 269 19.11 1.50 -24.42
C PRO B 269 17.83 2.15 -24.92
N GLU B 270 16.72 1.43 -24.76
CA GLU B 270 15.42 1.92 -25.20
C GLU B 270 15.04 3.26 -24.58
N MET B 271 15.26 3.39 -23.27
CA MET B 271 14.90 4.63 -22.58
C MET B 271 15.78 5.80 -22.99
N TYR B 272 17.04 5.55 -23.30
CA TYR B 272 17.93 6.62 -23.70
C TYR B 272 17.53 7.14 -25.09
N GLN B 273 17.10 6.24 -25.96
CA GLN B 273 16.68 6.65 -27.29
C GLN B 273 15.43 7.52 -27.17
N THR B 274 14.63 7.24 -26.15
CA THR B 274 13.40 7.98 -25.89
C THR B 274 13.75 9.42 -25.49
N MET B 275 14.79 9.58 -24.69
CA MET B 275 15.22 10.92 -24.28
C MET B 275 15.64 11.64 -25.56
N LEU B 276 16.46 10.95 -26.36
CA LEU B 276 16.93 11.54 -27.61
C LEU B 276 15.75 11.90 -28.51
N ASP B 277 14.71 11.08 -28.48
CA ASP B 277 13.52 11.37 -29.29
C ASP B 277 12.83 12.63 -28.75
N CYS B 278 12.75 12.76 -27.43
CA CYS B 278 12.12 13.93 -26.81
C CYS B 278 12.90 15.22 -27.06
N TRP B 279 14.21 15.11 -27.25
CA TRP B 279 15.02 16.31 -27.48
C TRP B 279 15.23 16.63 -28.94
N HIS B 280 14.31 16.18 -29.81
CA HIS B 280 14.44 16.45 -31.24
C HIS B 280 14.49 17.96 -31.48
N GLY B 281 15.39 18.38 -32.36
CA GLY B 281 15.54 19.80 -32.66
C GLY B 281 14.28 20.49 -33.17
N GLU B 282 13.44 19.73 -33.86
CA GLU B 282 12.21 20.26 -34.42
C GLU B 282 11.01 19.80 -33.58
N PRO B 283 10.33 20.75 -32.92
CA PRO B 283 9.17 20.51 -32.08
C PRO B 283 8.17 19.53 -32.71
N SER B 284 7.85 19.76 -33.97
CA SER B 284 6.90 18.90 -34.68
C SER B 284 7.38 17.46 -34.74
N GLN B 285 8.68 17.26 -34.58
CA GLN B 285 9.25 15.91 -34.65
C GLN B 285 9.32 15.17 -33.31
N ARG B 286 9.07 15.88 -32.23
CA ARG B 286 9.11 15.25 -30.91
C ARG B 286 7.83 14.44 -30.75
N PRO B 287 7.91 13.30 -30.05
CA PRO B 287 6.69 12.49 -29.87
C PRO B 287 5.65 13.22 -29.02
N THR B 288 4.46 12.66 -28.97
CA THR B 288 3.38 13.25 -28.17
C THR B 288 3.31 12.48 -26.86
N PHE B 289 2.81 13.13 -25.82
CA PHE B 289 2.71 12.46 -24.53
C PHE B 289 1.87 11.19 -24.69
N SER B 290 0.91 11.22 -25.60
CA SER B 290 0.05 10.04 -25.83
C SER B 290 0.95 8.91 -26.33
N GLU B 291 1.81 9.23 -27.28
CA GLU B 291 2.73 8.25 -27.84
C GLU B 291 3.67 7.74 -26.76
N LEU B 292 4.11 8.66 -25.91
CA LEU B 292 5.01 8.33 -24.81
C LEU B 292 4.33 7.37 -23.83
N VAL B 293 3.05 7.58 -23.59
CA VAL B 293 2.30 6.71 -22.68
C VAL B 293 2.26 5.31 -23.27
N GLU B 294 1.90 5.22 -24.55
CA GLU B 294 1.83 3.95 -25.25
C GLU B 294 3.19 3.25 -25.20
N HIS B 295 4.20 3.94 -25.67
CA HIS B 295 5.56 3.41 -25.70
C HIS B 295 6.01 2.91 -24.32
N LEU B 296 5.95 3.78 -23.31
CA LEU B 296 6.36 3.41 -21.96
C LEU B 296 5.48 2.31 -21.39
N GLY B 297 4.22 2.29 -21.80
CA GLY B 297 3.31 1.26 -21.33
C GLY B 297 3.81 -0.11 -21.75
N ASN B 298 4.48 -0.18 -22.89
CA ASN B 298 5.01 -1.44 -23.40
C ASN B 298 6.38 -1.69 -22.80
N LEU B 299 7.19 -0.65 -22.68
CA LEU B 299 8.52 -0.80 -22.10
C LEU B 299 8.39 -1.31 -20.67
N LEU B 300 7.21 -1.12 -20.09
CA LEU B 300 6.96 -1.55 -18.72
C LEU B 300 6.49 -2.99 -18.73
N GLN B 301 5.96 -3.43 -19.87
CA GLN B 301 5.47 -4.79 -19.99
C GLN B 301 6.62 -5.77 -20.25
#